data_7ZIE
#
_entry.id   7ZIE
#
_cell.length_a   66.630
_cell.length_b   96.900
_cell.length_c   113.060
_cell.angle_alpha   90.000
_cell.angle_beta   90.000
_cell.angle_gamma   90.000
#
_symmetry.space_group_name_H-M   'P 2 21 21'
#
loop_
_entity.id
_entity.type
_entity.pdbx_description
1 polymer Gcf1p
2 polymer '20-mer DNA'
3 polymer '20-mer DNA'
4 non-polymer GLYCEROL
5 water water
#
loop_
_entity_poly.entity_id
_entity_poly.type
_entity_poly.pdbx_seq_one_letter_code
_entity_poly.pdbx_strand_id
1 'polypeptide(L)'
;MLRSFVTSISPIGYNAVSLVSMRALATKAATTTTKKSTTKASPKTKKTTKKSTKPPKVDTKAIRLQKKINEARSAKKNLQ
QQIKDISTQHKTLSKQRKFEEKARSKIHKLAPGNFYSMFQKKRAGDSVAEFYQFPEEEKAKWIAARDAYWEKAKSYFTPK
PKLGANGFAKYVQENYIRGDSLTETMKKLADEWNALSETEKQQYQISKEDKEKYKKALEKWKELRLKEYSDYLKFKENYK
VEDDF
;
A,B
2 'polydeoxyribonucleotide' (DT)(DA)(DT)(DA)(DT)(DT)(DA)(DT)(DA)(DT)(DA)(DA)(DT)(DT)(DT)(DA)(DT)(DT)(DA)(DT) W,Y
3 'polydeoxyribonucleotide' (DA)(DT)(DA)(DA)(DT)(DA)(DA)(DA)(DT)(DT)(DA)(DT)(DA)(DT)(DA)(DA)(DT)(DA)(DT)(DA) X,Z
#
loop_
_chem_comp.id
_chem_comp.type
_chem_comp.name
_chem_comp.formula
DA DNA linking 2'-DEOXYADENOSINE-5'-MONOPHOSPHATE 'C10 H14 N5 O6 P'
DT DNA linking THYMIDINE-5'-MONOPHOSPHATE 'C10 H15 N2 O8 P'
GOL non-polymer GLYCEROL 'C3 H8 O3'
#
# COMPACT_ATOMS: atom_id res chain seq x y z
N THR A 60 -36.53 47.81 30.86
CA THR A 60 -36.92 46.84 29.84
C THR A 60 -35.91 46.76 28.70
N LYS A 61 -35.17 47.85 28.48
CA LYS A 61 -34.05 47.80 27.54
C LYS A 61 -33.02 46.78 27.99
N ALA A 62 -32.53 46.96 29.22
CA ALA A 62 -31.58 46.01 29.80
C ALA A 62 -32.23 44.66 30.03
N ILE A 63 -33.55 44.60 30.24
CA ILE A 63 -34.22 43.31 30.39
C ILE A 63 -34.15 42.50 29.10
N ARG A 64 -34.51 43.13 27.97
CA ARG A 64 -34.40 42.48 26.68
C ARG A 64 -32.96 42.09 26.37
N LEU A 65 -32.01 42.99 26.67
CA LEU A 65 -30.61 42.70 26.36
C LEU A 65 -30.11 41.51 27.17
N GLN A 66 -30.47 41.43 28.44
CA GLN A 66 -30.07 40.29 29.25
C GLN A 66 -30.74 39.03 28.78
N LYS A 67 -31.98 39.14 28.30
CA LYS A 67 -32.67 37.97 27.77
C LYS A 67 -31.92 37.41 26.57
N LYS A 68 -31.43 38.31 25.71
CA LYS A 68 -30.61 37.90 24.58
C LYS A 68 -29.30 37.29 25.04
N ILE A 69 -28.71 37.83 26.11
CA ILE A 69 -27.47 37.26 26.63
C ILE A 69 -27.69 35.85 27.15
N ASN A 70 -28.84 35.62 27.79
CA ASN A 70 -29.13 34.29 28.34
C ASN A 70 -29.42 33.29 27.24
N GLU A 71 -30.12 33.72 26.19
CA GLU A 71 -30.30 32.83 25.04
C GLU A 71 -28.97 32.52 24.38
N ALA A 72 -28.04 33.48 24.35
CA ALA A 72 -26.72 33.20 23.79
C ALA A 72 -25.97 32.17 24.64
N ARG A 73 -26.04 32.29 25.96
CA ARG A 73 -25.33 31.32 26.79
C ARG A 73 -25.96 29.93 26.69
N SER A 74 -27.28 29.86 26.57
CA SER A 74 -27.92 28.56 26.31
C SER A 74 -27.52 28.00 24.95
N ALA A 75 -27.50 28.85 23.92
CA ALA A 75 -27.14 28.39 22.59
C ALA A 75 -25.70 27.89 22.55
N LYS A 76 -24.81 28.56 23.27
CA LYS A 76 -23.43 28.11 23.33
C LYS A 76 -23.32 26.78 24.07
N LYS A 77 -24.16 26.58 25.09
CA LYS A 77 -24.19 25.27 25.75
C LYS A 77 -24.66 24.16 24.80
N ASN A 78 -25.72 24.43 24.02
CA ASN A 78 -26.18 23.43 23.05
C ASN A 78 -25.11 23.12 22.02
N LEU A 79 -24.37 24.14 21.59
CA LEU A 79 -23.29 23.91 20.64
C LEU A 79 -22.20 23.03 21.25
N GLN A 80 -21.84 23.28 22.51
CA GLN A 80 -20.81 22.48 23.16
C GLN A 80 -21.26 21.02 23.25
N GLN A 81 -22.55 20.80 23.54
CA GLN A 81 -23.05 19.42 23.57
C GLN A 81 -23.01 18.77 22.20
N GLN A 82 -23.37 19.52 21.15
CA GLN A 82 -23.36 18.94 19.82
C GLN A 82 -21.95 18.59 19.36
N ILE A 83 -20.98 19.42 19.73
CA ILE A 83 -19.60 19.13 19.37
C ILE A 83 -19.11 17.88 20.05
N LYS A 84 -19.46 17.72 21.33
CA LYS A 84 -19.06 16.52 22.03
C LYS A 84 -19.76 15.29 21.46
N ASP A 85 -21.01 15.44 21.02
CA ASP A 85 -21.74 14.32 20.45
C ASP A 85 -21.13 13.87 19.13
N ILE A 86 -20.76 14.84 18.29
CA ILE A 86 -20.13 14.47 17.02
C ILE A 86 -18.73 13.89 17.26
N SER A 87 -18.01 14.37 18.28
CA SER A 87 -16.71 13.76 18.58
C SER A 87 -16.84 12.32 19.06
N THR A 88 -17.80 12.03 19.94
CA THR A 88 -17.99 10.66 20.40
C THR A 88 -18.40 9.76 19.25
N GLN A 89 -19.36 10.20 18.44
CA GLN A 89 -19.79 9.37 17.31
C GLN A 89 -18.65 9.19 16.30
N HIS A 90 -17.83 10.21 16.10
CA HIS A 90 -16.69 10.11 15.21
C HIS A 90 -15.68 9.08 15.70
N LYS A 91 -15.42 9.03 17.00
CA LYS A 91 -14.52 8.00 17.51
C LYS A 91 -15.11 6.62 17.28
N THR A 92 -16.44 6.48 17.49
CA THR A 92 -17.07 5.17 17.26
C THR A 92 -16.93 4.74 15.80
N LEU A 93 -17.22 5.64 14.88
CA LEU A 93 -17.07 5.32 13.47
C LEU A 93 -15.62 5.05 13.10
N SER A 94 -14.67 5.69 13.78
CA SER A 94 -13.27 5.41 13.47
C SER A 94 -12.90 4.00 13.92
N LYS A 95 -13.37 3.60 15.11
CA LYS A 95 -13.17 2.22 15.53
C LYS A 95 -13.86 1.23 14.60
N GLN A 96 -15.09 1.55 14.17
CA GLN A 96 -15.81 0.69 13.23
C GLN A 96 -15.05 0.52 11.93
N ARG A 97 -14.50 1.62 11.39
CA ARG A 97 -13.77 1.54 10.14
C ARG A 97 -12.50 0.72 10.31
N LYS A 98 -11.78 0.90 11.42
CA LYS A 98 -10.58 0.09 11.67
C LYS A 98 -10.92 -1.39 11.72
N PHE A 99 -12.01 -1.74 12.40
CA PHE A 99 -12.44 -3.13 12.49
C PHE A 99 -12.80 -3.68 11.12
N GLU A 100 -13.55 -2.93 10.32
CA GLU A 100 -13.91 -3.41 8.99
C GLU A 100 -12.68 -3.57 8.11
N GLU A 101 -11.65 -2.75 8.32
CA GLU A 101 -10.42 -2.88 7.58
C GLU A 101 -9.69 -4.16 7.95
N LYS A 102 -9.59 -4.47 9.25
CA LYS A 102 -8.92 -5.71 9.64
C LYS A 102 -9.74 -6.96 9.28
N ALA A 103 -11.07 -6.87 9.28
CA ALA A 103 -11.92 -8.02 8.99
C ALA A 103 -11.88 -8.47 7.53
N ARG A 104 -11.35 -7.64 6.65
CA ARG A 104 -11.32 -7.95 5.24
C ARG A 104 -9.90 -8.07 4.72
N SER A 105 -8.91 -7.89 5.59
CA SER A 105 -7.51 -7.90 5.20
C SER A 105 -7.08 -9.32 4.83
N LYS A 106 -5.87 -9.41 4.28
CA LYS A 106 -5.30 -10.67 3.83
C LYS A 106 -4.83 -11.51 5.01
N ILE A 107 -5.27 -12.75 5.06
CA ILE A 107 -5.05 -13.65 6.19
C ILE A 107 -3.63 -14.21 6.10
N HIS A 108 -2.82 -13.95 7.13
CA HIS A 108 -1.42 -14.37 7.11
C HIS A 108 -1.12 -15.28 8.29
N LYS A 109 -0.41 -16.39 8.00
CA LYS A 109 -0.09 -17.39 9.00
C LYS A 109 0.77 -16.80 10.11
N LEU A 110 0.25 -16.87 11.34
CA LEU A 110 0.92 -16.30 12.51
C LEU A 110 2.30 -16.90 12.71
N ALA A 111 3.30 -16.06 12.92
CA ALA A 111 4.64 -16.54 13.21
C ALA A 111 4.65 -17.25 14.55
N PRO A 112 5.62 -18.16 14.76
CA PRO A 112 5.62 -18.93 16.02
C PRO A 112 5.88 -18.10 17.26
N GLY A 113 6.75 -17.09 17.17
CA GLY A 113 6.99 -16.23 18.32
C GLY A 113 5.74 -15.48 18.76
N ASN A 114 4.96 -14.98 17.81
CA ASN A 114 3.71 -14.30 18.14
C ASN A 114 2.72 -15.24 18.77
N PHE A 115 2.72 -16.50 18.34
CA PHE A 115 1.91 -17.53 19.01
C PHE A 115 2.32 -17.65 20.47
N TYR A 116 3.63 -17.80 20.70
CA TYR A 116 4.13 -17.98 22.06
C TYR A 116 3.82 -16.76 22.93
N SER A 117 3.91 -15.56 22.37
CA SER A 117 3.56 -14.37 23.15
C SER A 117 2.05 -14.29 23.38
N MET A 118 1.26 -14.86 22.47
CA MET A 118 -0.18 -14.96 22.70
C MET A 118 -0.47 -15.77 23.95
N PHE A 119 0.33 -16.81 24.18
CA PHE A 119 0.04 -17.71 25.29
C PHE A 119 0.77 -17.36 26.59
N GLN A 120 1.65 -16.36 26.59
CA GLN A 120 2.29 -15.93 27.81
C GLN A 120 1.70 -14.57 28.19
N LYS A 121 1.21 -14.45 29.43
CA LYS A 121 0.61 -13.19 29.87
C LYS A 121 1.64 -12.12 30.14
N LYS A 122 2.93 -12.47 30.14
CA LYS A 122 3.97 -11.46 30.05
C LYS A 122 3.89 -10.76 28.70
N ARG A 123 4.62 -9.66 28.59
CA ARG A 123 4.58 -8.82 27.41
C ARG A 123 5.06 -9.58 26.18
N ALA A 124 4.43 -9.28 25.04
CA ALA A 124 4.60 -10.09 23.83
C ALA A 124 6.03 -10.04 23.28
N GLY A 125 6.68 -8.87 23.34
CA GLY A 125 8.03 -8.76 22.79
C GLY A 125 9.04 -9.60 23.53
N ASP A 126 9.05 -9.49 24.86
CA ASP A 126 9.94 -10.31 25.68
C ASP A 126 9.64 -11.80 25.49
N SER A 127 8.38 -12.16 25.25
CA SER A 127 8.02 -13.55 25.04
C SER A 127 8.65 -14.09 23.76
N VAL A 128 8.59 -13.32 22.67
CA VAL A 128 9.25 -13.76 21.43
C VAL A 128 10.76 -13.80 21.62
N ALA A 129 11.31 -12.87 22.41
CA ALA A 129 12.73 -12.88 22.68
C ALA A 129 13.15 -14.14 23.43
N GLU A 130 12.38 -14.52 24.44
CA GLU A 130 12.62 -15.79 25.13
C GLU A 130 12.38 -16.98 24.21
N PHE A 131 11.48 -16.84 23.23
CA PHE A 131 11.22 -17.93 22.30
C PHE A 131 12.39 -18.14 21.33
N TYR A 132 13.17 -17.09 21.07
CA TYR A 132 14.34 -17.27 20.20
C TYR A 132 15.37 -18.19 20.84
N GLN A 133 15.57 -18.07 22.15
CA GLN A 133 16.57 -18.84 22.88
C GLN A 133 16.11 -20.25 23.22
N PHE A 134 14.89 -20.63 22.85
CA PHE A 134 14.34 -21.93 23.22
C PHE A 134 15.15 -23.05 22.57
N PRO A 135 15.16 -24.23 23.18
CA PRO A 135 15.75 -25.40 22.52
C PRO A 135 14.93 -25.82 21.31
N GLU A 136 15.47 -26.81 20.58
CA GLU A 136 14.80 -27.28 19.37
C GLU A 136 13.50 -28.00 19.70
N GLU A 137 13.46 -28.77 20.80
CA GLU A 137 12.30 -29.63 21.07
C GLU A 137 11.07 -28.83 21.47
N GLU A 138 11.20 -27.95 22.46
CA GLU A 138 10.07 -27.11 22.86
C GLU A 138 9.66 -26.18 21.72
N LYS A 139 10.64 -25.71 20.95
CA LYS A 139 10.34 -24.89 19.78
C LYS A 139 9.50 -25.64 18.76
N ALA A 140 9.83 -26.91 18.51
CA ALA A 140 9.04 -27.72 17.59
C ALA A 140 7.64 -28.02 18.15
N LYS A 141 7.51 -28.20 19.47
CA LYS A 141 6.19 -28.39 20.07
C LYS A 141 5.33 -27.16 19.88
N TRP A 142 5.91 -25.99 20.14
CA TRP A 142 5.19 -24.73 19.95
C TRP A 142 4.82 -24.53 18.50
N ILE A 143 5.71 -24.92 17.57
CA ILE A 143 5.43 -24.73 16.15
C ILE A 143 4.30 -25.65 15.67
N ALA A 144 4.28 -26.89 16.15
CA ALA A 144 3.19 -27.80 15.77
C ALA A 144 1.87 -27.33 16.35
N ALA A 145 1.86 -26.88 17.61
CA ALA A 145 0.64 -26.33 18.20
C ALA A 145 0.19 -25.09 17.44
N ARG A 146 1.14 -24.24 17.04
CA ARG A 146 0.82 -23.07 16.24
C ARG A 146 0.27 -23.46 14.88
N ASP A 147 0.74 -24.57 14.32
CA ASP A 147 0.23 -24.97 13.02
C ASP A 147 -1.20 -25.49 13.13
N ALA A 148 -1.50 -26.26 14.17
CA ALA A 148 -2.88 -26.70 14.38
C ALA A 148 -3.79 -25.51 14.61
N TYR A 149 -3.31 -24.52 15.38
CA TYR A 149 -4.05 -23.29 15.53
C TYR A 149 -4.23 -22.58 14.19
N TRP A 150 -3.22 -22.66 13.32
CA TRP A 150 -3.34 -21.98 12.04
C TRP A 150 -4.41 -22.62 11.18
N GLU A 151 -4.47 -23.95 11.17
CA GLU A 151 -5.53 -24.62 10.41
C GLU A 151 -6.90 -24.21 10.95
N LYS A 152 -7.06 -24.27 12.27
CA LYS A 152 -8.33 -23.86 12.87
C LYS A 152 -8.65 -22.40 12.60
N ALA A 153 -7.62 -21.55 12.51
CA ALA A 153 -7.84 -20.11 12.37
C ALA A 153 -8.25 -19.76 10.96
N LYS A 154 -7.50 -20.27 9.98
CA LYS A 154 -7.84 -20.04 8.58
C LYS A 154 -9.21 -20.62 8.23
N SER A 155 -9.69 -21.62 8.98
CA SER A 155 -11.03 -22.15 8.72
C SER A 155 -12.13 -21.09 8.84
N TYR A 156 -11.92 -20.06 9.66
CA TYR A 156 -12.99 -19.10 9.92
C TYR A 156 -13.24 -18.19 8.73
N PHE A 157 -12.24 -17.98 7.89
CA PHE A 157 -12.32 -16.96 6.84
C PHE A 157 -12.64 -17.58 5.48
N THR A 158 -13.34 -16.80 4.65
CA THR A 158 -13.67 -17.01 3.25
C THR A 158 -12.77 -16.15 2.38
N PRO A 159 -12.06 -16.72 1.42
CA PRO A 159 -11.18 -15.91 0.57
C PRO A 159 -11.96 -14.96 -0.33
N LYS A 160 -11.33 -13.84 -0.61
CA LYS A 160 -12.01 -12.74 -1.28
C LYS A 160 -12.38 -13.14 -2.70
N PRO A 161 -13.57 -12.76 -3.17
CA PRO A 161 -13.92 -13.04 -4.57
C PRO A 161 -12.97 -12.37 -5.55
N LYS A 162 -12.41 -13.19 -6.45
CA LYS A 162 -11.55 -12.70 -7.52
C LYS A 162 -12.39 -12.19 -8.67
N LEU A 163 -11.93 -11.12 -9.30
CA LEU A 163 -12.61 -10.65 -10.49
C LEU A 163 -12.07 -11.38 -11.72
N GLY A 164 -12.93 -11.51 -12.73
CA GLY A 164 -12.56 -12.25 -13.93
C GLY A 164 -11.41 -11.60 -14.68
N ALA A 165 -10.68 -12.43 -15.42
CA ALA A 165 -9.61 -11.93 -16.28
C ALA A 165 -10.21 -11.05 -17.36
N ASN A 166 -9.54 -9.94 -17.66
CA ASN A 166 -10.07 -8.96 -18.58
C ASN A 166 -9.01 -8.52 -19.56
N GLY A 167 -9.39 -8.39 -20.84
CA GLY A 167 -8.48 -7.82 -21.82
C GLY A 167 -7.28 -8.71 -22.04
N PHE A 168 -6.09 -8.13 -21.93
CA PHE A 168 -4.88 -8.90 -22.20
C PHE A 168 -4.66 -10.00 -21.17
N ALA A 169 -5.11 -9.78 -19.94
CA ALA A 169 -5.05 -10.85 -18.96
C ALA A 169 -5.87 -12.05 -19.41
N LYS A 170 -7.07 -11.81 -19.95
CA LYS A 170 -7.88 -12.92 -20.45
C LYS A 170 -7.26 -13.56 -21.66
N TYR A 171 -6.58 -12.76 -22.48
CA TYR A 171 -5.88 -13.30 -23.63
C TYR A 171 -4.79 -14.28 -23.19
N VAL A 172 -4.02 -13.90 -22.16
CA VAL A 172 -3.00 -14.80 -21.63
C VAL A 172 -3.66 -16.03 -21.03
N GLN A 173 -4.82 -15.85 -20.41
CA GLN A 173 -5.54 -16.99 -19.83
C GLN A 173 -5.96 -17.97 -20.92
N GLU A 174 -6.32 -17.47 -22.08
CA GLU A 174 -6.84 -18.36 -23.10
C GLU A 174 -5.76 -18.99 -23.95
N ASN A 175 -4.65 -18.28 -24.17
CA ASN A 175 -3.66 -18.73 -25.14
C ASN A 175 -2.35 -19.17 -24.49
N TYR A 176 -2.29 -19.21 -23.18
CA TYR A 176 -1.15 -19.82 -22.53
C TYR A 176 -1.29 -21.32 -22.66
N ILE A 177 -0.23 -21.97 -23.14
CA ILE A 177 -0.20 -23.42 -23.28
C ILE A 177 0.83 -23.98 -22.32
N ARG A 178 0.48 -25.08 -21.65
CA ARG A 178 1.31 -25.71 -20.62
C ARG A 178 2.75 -25.94 -21.09
N GLY A 179 3.70 -25.61 -20.22
CA GLY A 179 5.10 -25.83 -20.52
C GLY A 179 5.75 -24.76 -21.35
N ASP A 180 5.47 -23.49 -21.07
CA ASP A 180 6.01 -22.37 -21.82
C ASP A 180 6.81 -21.44 -20.91
N SER A 181 7.87 -20.86 -21.46
CA SER A 181 8.58 -19.75 -20.79
C SER A 181 7.59 -18.63 -20.53
N LEU A 182 7.39 -18.29 -19.25
CA LEU A 182 6.37 -17.31 -18.91
C LEU A 182 6.70 -15.94 -19.49
N THR A 183 7.95 -15.49 -19.33
CA THR A 183 8.36 -14.20 -19.91
C THR A 183 8.24 -14.20 -21.43
N GLU A 184 8.68 -15.29 -22.07
CA GLU A 184 8.57 -15.39 -23.52
C GLU A 184 7.12 -15.46 -23.98
N THR A 185 6.28 -16.23 -23.27
CA THR A 185 4.88 -16.34 -23.64
C THR A 185 4.16 -15.01 -23.45
N MET A 186 4.42 -14.34 -22.32
CA MET A 186 3.80 -13.05 -22.07
C MET A 186 4.20 -12.02 -23.12
N LYS A 187 5.48 -11.97 -23.50
CA LYS A 187 5.88 -10.99 -24.50
C LYS A 187 5.32 -11.33 -25.88
N LYS A 188 5.35 -12.61 -26.27
CA LYS A 188 4.82 -13.00 -27.57
C LYS A 188 3.33 -12.75 -27.65
N LEU A 189 2.60 -13.12 -26.59
CA LEU A 189 1.18 -12.83 -26.53
C LEU A 189 0.92 -11.34 -26.58
N ALA A 190 1.81 -10.53 -26.00
CA ALA A 190 1.64 -9.08 -26.06
C ALA A 190 1.75 -8.58 -27.48
N ASP A 191 2.73 -9.11 -28.22
CA ASP A 191 2.89 -8.74 -29.62
C ASP A 191 1.64 -9.12 -30.42
N GLU A 192 1.10 -10.31 -30.17
CA GLU A 192 -0.14 -10.70 -30.84
C GLU A 192 -1.29 -9.78 -30.47
N TRP A 193 -1.40 -9.46 -29.18
CA TRP A 193 -2.51 -8.66 -28.68
C TRP A 193 -2.49 -7.26 -29.28
N ASN A 194 -1.32 -6.63 -29.29
CA ASN A 194 -1.20 -5.26 -29.78
C ASN A 194 -1.65 -5.14 -31.22
N ALA A 195 -1.43 -6.18 -32.02
CA ALA A 195 -1.83 -6.18 -33.42
C ALA A 195 -3.33 -6.37 -33.61
N LEU A 196 -4.10 -6.54 -32.54
CA LEU A 196 -5.53 -6.72 -32.70
C LEU A 196 -6.22 -5.38 -32.91
N SER A 197 -7.29 -5.40 -33.70
CA SER A 197 -8.11 -4.21 -33.81
C SER A 197 -8.87 -3.98 -32.51
N GLU A 198 -9.50 -2.82 -32.42
CA GLU A 198 -10.14 -2.46 -31.15
C GLU A 198 -11.38 -3.29 -30.84
N THR A 199 -12.11 -3.76 -31.86
CA THR A 199 -13.24 -4.64 -31.54
C THR A 199 -12.79 -6.07 -31.22
N GLU A 200 -11.69 -6.52 -31.84
CA GLU A 200 -11.09 -7.79 -31.44
C GLU A 200 -10.68 -7.75 -29.97
N LYS A 201 -10.11 -6.64 -29.52
CA LYS A 201 -9.82 -6.50 -28.09
C LYS A 201 -11.11 -6.43 -27.29
N GLN A 202 -12.10 -5.71 -27.81
CA GLN A 202 -13.34 -5.50 -27.10
C GLN A 202 -14.13 -6.80 -26.87
N GLN A 203 -13.83 -7.86 -27.61
CA GLN A 203 -14.49 -9.11 -27.24
C GLN A 203 -13.78 -9.84 -26.10
N TYR A 204 -12.56 -9.43 -25.74
CA TYR A 204 -11.80 -10.01 -24.63
C TYR A 204 -12.07 -9.31 -23.28
N GLN A 205 -13.17 -8.59 -23.18
CA GLN A 205 -13.50 -7.89 -21.96
C GLN A 205 -14.60 -8.64 -21.22
N ILE A 206 -14.76 -8.32 -19.95
CA ILE A 206 -15.78 -8.94 -19.12
C ILE A 206 -17.10 -8.23 -19.37
N SER A 207 -18.18 -9.00 -19.51
CA SER A 207 -19.48 -8.41 -19.79
C SER A 207 -19.97 -7.62 -18.59
N LYS A 208 -20.92 -6.70 -18.84
CA LYS A 208 -21.47 -5.92 -17.72
C LYS A 208 -22.19 -6.82 -16.73
N GLU A 209 -22.73 -7.94 -17.21
CA GLU A 209 -23.43 -8.87 -16.33
C GLU A 209 -22.47 -9.51 -15.33
N ASP A 210 -21.31 -10.00 -15.80
CA ASP A 210 -20.34 -10.58 -14.87
C ASP A 210 -19.72 -9.53 -13.95
N LYS A 211 -19.54 -8.30 -14.44
CA LYS A 211 -19.05 -7.24 -13.56
C LYS A 211 -20.02 -6.99 -12.42
N GLU A 212 -21.32 -6.94 -12.71
CA GLU A 212 -22.27 -6.74 -11.63
C GLU A 212 -22.36 -7.97 -10.73
N LYS A 213 -22.17 -9.17 -11.28
CA LYS A 213 -22.11 -10.36 -10.43
C LYS A 213 -20.93 -10.31 -9.46
N TYR A 214 -19.75 -9.89 -9.94
CA TYR A 214 -18.61 -9.72 -9.04
C TYR A 214 -18.89 -8.64 -8.00
N LYS A 215 -19.59 -7.57 -8.40
CA LYS A 215 -19.98 -6.55 -7.43
C LYS A 215 -20.84 -7.15 -6.33
N LYS A 216 -21.82 -7.98 -6.70
CA LYS A 216 -22.71 -8.60 -5.73
C LYS A 216 -21.94 -9.56 -4.80
N ALA A 217 -21.00 -10.32 -5.37
CA ALA A 217 -20.23 -11.27 -4.57
C ALA A 217 -19.27 -10.56 -3.61
N LEU A 218 -18.58 -9.52 -4.09
CA LEU A 218 -17.70 -8.77 -3.21
C LEU A 218 -18.50 -8.08 -2.11
N GLU A 219 -19.72 -7.66 -2.41
CA GLU A 219 -20.56 -7.00 -1.42
C GLU A 219 -20.94 -7.97 -0.31
N LYS A 220 -21.47 -9.15 -0.68
CA LYS A 220 -21.80 -10.15 0.32
C LYS A 220 -20.58 -10.58 1.13
N TRP A 221 -19.40 -10.61 0.50
CA TRP A 221 -18.19 -10.98 1.23
C TRP A 221 -17.76 -9.90 2.20
N LYS A 222 -17.83 -8.63 1.78
CA LYS A 222 -17.56 -7.51 2.69
C LYS A 222 -18.48 -7.57 3.90
N GLU A 223 -19.72 -8.02 3.71
CA GLU A 223 -20.60 -8.30 4.86
C GLU A 223 -20.05 -9.43 5.73
N LEU A 224 -19.95 -10.63 5.16
CA LEU A 224 -19.68 -11.80 6.00
C LEU A 224 -18.29 -11.82 6.58
N ARG A 225 -17.36 -11.04 6.06
CA ARG A 225 -16.04 -11.03 6.67
C ARG A 225 -16.09 -10.35 8.02
N LEU A 226 -17.05 -9.44 8.24
CA LEU A 226 -17.23 -8.85 9.55
C LEU A 226 -17.60 -9.91 10.58
N LYS A 227 -18.63 -10.69 10.30
CA LYS A 227 -19.07 -11.75 11.20
C LYS A 227 -18.01 -12.82 11.37
N GLU A 228 -17.34 -13.19 10.27
CA GLU A 228 -16.27 -14.17 10.35
C GLU A 228 -15.14 -13.67 11.23
N TYR A 229 -14.79 -12.39 11.11
CA TYR A 229 -13.68 -11.86 11.90
C TYR A 229 -14.04 -11.84 13.37
N SER A 230 -15.30 -11.52 13.70
CA SER A 230 -15.73 -11.54 15.09
C SER A 230 -15.66 -12.96 15.67
N ASP A 231 -16.12 -13.95 14.90
CA ASP A 231 -16.01 -15.33 15.36
C ASP A 231 -14.56 -15.74 15.53
N TYR A 232 -13.68 -15.27 14.64
CA TYR A 232 -12.26 -15.58 14.78
C TYR A 232 -11.70 -14.98 16.06
N LEU A 233 -12.11 -13.75 16.39
CA LEU A 233 -11.59 -13.08 17.57
C LEU A 233 -12.03 -13.80 18.84
N LYS A 234 -13.29 -14.27 18.86
CA LYS A 234 -13.75 -15.11 19.97
C LYS A 234 -12.98 -16.43 20.02
N PHE A 235 -12.67 -17.01 18.88
CA PHE A 235 -11.87 -18.23 18.86
C PHE A 235 -10.49 -17.98 19.43
N LYS A 236 -9.87 -16.85 19.08
CA LYS A 236 -8.49 -16.60 19.48
C LYS A 236 -8.41 -16.25 20.95
N GLU A 237 -9.44 -15.63 21.51
CA GLU A 237 -9.40 -15.31 22.94
C GLU A 237 -9.57 -16.56 23.78
N ASN A 238 -10.42 -17.50 23.34
CA ASN A 238 -10.82 -18.66 24.11
C ASN A 238 -10.13 -19.95 23.67
N TYR A 239 -8.97 -19.87 23.03
CA TYR A 239 -8.28 -21.04 22.51
C TYR A 239 -7.21 -21.50 23.49
N LYS A 240 -7.40 -22.70 24.03
CA LYS A 240 -6.39 -23.38 24.82
C LYS A 240 -5.59 -24.31 23.91
N VAL A 241 -4.31 -24.49 24.25
CA VAL A 241 -3.41 -25.27 23.39
C VAL A 241 -3.88 -26.71 23.28
N GLU A 242 -3.93 -27.42 24.41
CA GLU A 242 -4.51 -28.77 24.51
C GLU A 242 -3.83 -29.79 23.59
N ASP B 59 3.62 54.34 41.11
CA ASP B 59 4.48 54.59 39.96
C ASP B 59 5.10 53.29 39.47
N THR B 60 6.07 52.77 40.23
CA THR B 60 6.80 51.59 39.77
C THR B 60 5.92 50.36 39.67
N LYS B 61 4.82 50.28 40.44
CA LYS B 61 3.83 49.24 40.20
C LYS B 61 3.28 49.36 38.79
N ALA B 62 2.78 50.54 38.42
CA ALA B 62 2.28 50.70 37.06
C ALA B 62 3.40 50.66 36.02
N ILE B 63 4.62 51.07 36.39
CA ILE B 63 5.73 51.02 35.43
C ILE B 63 6.09 49.58 35.08
N ARG B 64 6.21 48.72 36.09
CA ARG B 64 6.46 47.31 35.83
C ARG B 64 5.32 46.68 35.05
N LEU B 65 4.08 47.01 35.43
CA LEU B 65 2.92 46.42 34.76
C LEU B 65 2.88 46.80 33.30
N GLN B 66 3.20 48.05 32.97
CA GLN B 66 3.16 48.45 31.57
C GLN B 66 4.26 47.74 30.79
N LYS B 67 5.43 47.56 31.38
CA LYS B 67 6.50 46.84 30.69
C LYS B 67 6.11 45.40 30.39
N LYS B 68 5.47 44.71 31.34
CA LYS B 68 5.04 43.35 31.06
C LYS B 68 3.92 43.31 30.02
N ILE B 69 3.03 44.30 30.03
CA ILE B 69 1.95 44.31 29.04
C ILE B 69 2.53 44.49 27.65
N ASN B 70 3.60 45.29 27.52
CA ASN B 70 4.26 45.45 26.23
C ASN B 70 5.00 44.19 25.83
N GLU B 71 5.62 43.50 26.78
CA GLU B 71 6.32 42.27 26.47
C GLU B 71 5.37 41.18 25.98
N ALA B 72 4.17 41.13 26.55
CA ALA B 72 3.20 40.13 26.11
C ALA B 72 2.73 40.41 24.68
N ARG B 73 2.48 41.68 24.34
CA ARG B 73 2.02 41.96 22.98
C ARG B 73 3.09 41.69 21.95
N SER B 74 4.37 42.00 22.26
CA SER B 74 5.45 41.61 21.36
C SER B 74 5.62 40.10 21.32
N ALA B 75 5.63 39.47 22.50
CA ALA B 75 5.79 38.02 22.55
C ALA B 75 4.65 37.30 21.86
N LYS B 76 3.45 37.90 21.87
CA LYS B 76 2.32 37.31 21.15
C LYS B 76 2.51 37.41 19.64
N LYS B 77 3.09 38.52 19.14
CA LYS B 77 3.40 38.60 17.72
C LYS B 77 4.46 37.57 17.34
N ASN B 78 5.46 37.38 18.19
CA ASN B 78 6.48 36.37 17.94
C ASN B 78 5.87 34.98 17.87
N LEU B 79 4.92 34.69 18.75
CA LEU B 79 4.26 33.40 18.72
C LEU B 79 3.43 33.23 17.45
N GLN B 80 2.71 34.26 17.03
CA GLN B 80 1.92 34.19 15.82
C GLN B 80 2.80 33.92 14.61
N GLN B 81 3.97 34.55 14.57
CA GLN B 81 4.90 34.34 13.46
C GLN B 81 5.43 32.91 13.42
N GLN B 82 5.80 32.35 14.57
CA GLN B 82 6.30 30.99 14.60
C GLN B 82 5.21 30.00 14.23
N ILE B 83 3.95 30.29 14.54
CA ILE B 83 2.88 29.36 14.18
C ILE B 83 2.72 29.29 12.68
N LYS B 84 2.76 30.44 11.99
CA LYS B 84 2.67 30.37 10.54
C LYS B 84 3.96 29.87 9.91
N ASP B 85 5.12 30.15 10.53
CA ASP B 85 6.38 29.61 9.97
C ASP B 85 6.46 28.09 10.09
N ILE B 86 6.05 27.53 11.24
CA ILE B 86 6.05 26.07 11.36
C ILE B 86 4.97 25.49 10.46
N SER B 87 3.88 26.22 10.21
CA SER B 87 2.91 25.79 9.22
C SER B 87 3.51 25.80 7.82
N THR B 88 4.27 26.85 7.52
CA THR B 88 4.94 26.95 6.23
C THR B 88 5.95 25.83 6.03
N GLN B 89 6.82 25.61 7.03
CA GLN B 89 7.82 24.56 6.90
C GLN B 89 7.18 23.19 6.84
N HIS B 90 6.05 23.01 7.54
CA HIS B 90 5.34 21.73 7.50
C HIS B 90 4.78 21.45 6.11
N LYS B 91 4.20 22.46 5.45
CA LYS B 91 3.77 22.25 4.07
C LYS B 91 4.97 21.99 3.16
N THR B 92 6.05 22.75 3.36
CA THR B 92 7.25 22.61 2.53
C THR B 92 7.88 21.22 2.68
N LEU B 93 8.05 20.78 3.93
CA LEU B 93 8.63 19.46 4.15
C LEU B 93 7.72 18.36 3.61
N SER B 94 6.40 18.59 3.58
CA SER B 94 5.50 17.61 2.99
C SER B 94 5.64 17.55 1.48
N LYS B 95 5.80 18.71 0.83
CA LYS B 95 6.10 18.73 -0.59
C LYS B 95 7.41 18.02 -0.87
N GLN B 96 8.41 18.27 -0.02
CA GLN B 96 9.71 17.60 -0.12
C GLN B 96 9.52 16.09 -0.06
N ARG B 97 8.65 15.63 0.82
CA ARG B 97 8.42 14.20 0.99
C ARG B 97 7.76 13.60 -0.24
N LYS B 98 6.67 14.22 -0.71
CA LYS B 98 5.93 13.69 -1.85
C LYS B 98 6.76 13.70 -3.13
N PHE B 99 7.76 14.57 -3.23
CA PHE B 99 8.65 14.57 -4.41
C PHE B 99 9.68 13.46 -4.32
N GLU B 100 10.34 13.31 -3.16
CA GLU B 100 11.28 12.20 -2.98
C GLU B 100 10.55 10.86 -3.02
N GLU B 101 9.26 10.83 -2.66
CA GLU B 101 8.50 9.60 -2.81
C GLU B 101 8.27 9.28 -4.28
N LYS B 102 7.87 10.29 -5.08
CA LYS B 102 7.63 10.05 -6.50
C LYS B 102 8.93 9.75 -7.24
N ALA B 103 10.06 10.29 -6.77
CA ALA B 103 11.34 10.05 -7.42
C ALA B 103 11.84 8.63 -7.21
N ARG B 104 11.22 7.85 -6.34
CA ARG B 104 11.70 6.51 -6.05
C ARG B 104 10.70 5.40 -6.33
N SER B 105 9.47 5.74 -6.74
CA SER B 105 8.46 4.71 -6.94
C SER B 105 8.77 3.89 -8.20
N LYS B 106 7.98 2.82 -8.37
CA LYS B 106 8.17 1.91 -9.49
C LYS B 106 7.64 2.55 -10.77
N ILE B 107 8.47 2.51 -11.82
CA ILE B 107 8.21 3.21 -13.07
C ILE B 107 7.21 2.41 -13.89
N HIS B 108 6.09 3.03 -14.25
CA HIS B 108 5.03 2.34 -14.96
C HIS B 108 4.84 2.99 -16.31
N LYS B 109 4.77 2.17 -17.35
CA LYS B 109 4.65 2.68 -18.70
C LYS B 109 3.35 3.44 -18.85
N LEU B 110 3.49 4.72 -19.21
CA LEU B 110 2.37 5.64 -19.35
C LEU B 110 1.34 5.10 -20.32
N ALA B 111 0.07 5.15 -19.92
CA ALA B 111 -1.01 4.75 -20.82
C ALA B 111 -1.09 5.70 -22.01
N PRO B 112 -1.59 5.23 -23.15
CA PRO B 112 -1.67 6.09 -24.34
C PRO B 112 -2.66 7.24 -24.17
N GLY B 113 -3.77 7.02 -23.48
CA GLY B 113 -4.69 8.11 -23.19
C GLY B 113 -4.04 9.20 -22.36
N ASN B 114 -3.24 8.80 -21.38
CA ASN B 114 -2.52 9.79 -20.57
C ASN B 114 -1.50 10.54 -21.40
N PHE B 115 -0.84 9.83 -22.33
CA PHE B 115 0.07 10.47 -23.28
C PHE B 115 -0.64 11.52 -24.11
N TYR B 116 -1.79 11.16 -24.69
CA TYR B 116 -2.55 12.11 -25.50
C TYR B 116 -3.04 13.28 -24.67
N SER B 117 -3.43 13.05 -23.42
CA SER B 117 -3.89 14.14 -22.57
C SER B 117 -2.74 15.08 -22.18
N MET B 118 -1.51 14.56 -22.15
CA MET B 118 -0.35 15.41 -21.86
C MET B 118 -0.22 16.57 -22.84
N PHE B 119 -0.58 16.35 -24.10
CA PHE B 119 -0.35 17.33 -25.15
C PHE B 119 -1.57 18.22 -25.42
N GLN B 120 -2.70 17.96 -24.78
CA GLN B 120 -3.89 18.79 -24.91
C GLN B 120 -4.11 19.57 -23.63
N LYS B 121 -4.30 20.89 -23.75
CA LYS B 121 -4.57 21.74 -22.59
C LYS B 121 -6.00 21.65 -22.06
N LYS B 122 -6.65 20.51 -22.21
CA LYS B 122 -8.02 20.30 -21.79
C LYS B 122 -8.06 19.32 -20.62
N ARG B 123 -9.28 19.00 -20.18
CA ARG B 123 -9.47 18.06 -19.09
C ARG B 123 -8.99 16.67 -19.50
N ALA B 124 -8.38 15.96 -18.54
CA ALA B 124 -7.77 14.66 -18.84
C ALA B 124 -8.82 13.62 -19.20
N GLY B 125 -9.99 13.68 -18.55
CA GLY B 125 -11.04 12.74 -18.87
C GLY B 125 -11.54 12.92 -20.28
N ASP B 126 -11.81 14.17 -20.66
CA ASP B 126 -12.20 14.48 -22.03
C ASP B 126 -11.11 14.07 -23.01
N SER B 127 -9.85 14.24 -22.62
CA SER B 127 -8.74 13.91 -23.50
C SER B 127 -8.65 12.41 -23.78
N VAL B 128 -8.73 11.58 -22.73
CA VAL B 128 -8.70 10.14 -22.95
C VAL B 128 -9.94 9.68 -23.71
N ALA B 129 -11.10 10.33 -23.47
CA ALA B 129 -12.29 9.98 -24.22
C ALA B 129 -12.11 10.25 -25.71
N GLU B 130 -11.50 11.38 -26.06
CA GLU B 130 -11.17 11.63 -27.46
C GLU B 130 -10.16 10.62 -27.99
N PHE B 131 -9.26 10.12 -27.13
CA PHE B 131 -8.29 9.13 -27.60
C PHE B 131 -8.90 7.76 -27.85
N TYR B 132 -9.98 7.41 -27.15
CA TYR B 132 -10.56 6.08 -27.37
C TYR B 132 -11.17 5.94 -28.76
N GLN B 133 -11.76 7.01 -29.30
CA GLN B 133 -12.47 6.97 -30.56
C GLN B 133 -11.55 7.13 -31.78
N PHE B 134 -10.24 6.97 -31.61
CA PHE B 134 -9.31 7.12 -32.71
C PHE B 134 -9.42 5.94 -33.68
N PRO B 135 -9.09 6.16 -34.94
CA PRO B 135 -8.97 5.04 -35.88
C PRO B 135 -7.80 4.15 -35.48
N GLU B 136 -7.70 3.01 -36.16
CA GLU B 136 -6.63 2.06 -35.84
C GLU B 136 -5.27 2.62 -36.22
N GLU B 137 -5.20 3.33 -37.35
CA GLU B 137 -3.93 3.87 -37.81
C GLU B 137 -3.47 5.02 -36.92
N GLU B 138 -4.38 5.96 -36.63
CA GLU B 138 -4.05 7.07 -35.74
C GLU B 138 -3.70 6.56 -34.35
N LYS B 139 -4.42 5.53 -33.90
CA LYS B 139 -4.11 4.92 -32.61
C LYS B 139 -2.72 4.32 -32.62
N ALA B 140 -2.35 3.64 -33.71
CA ALA B 140 -1.02 3.04 -33.80
C ALA B 140 0.06 4.11 -33.83
N LYS B 141 -0.21 5.24 -34.48
CA LYS B 141 0.76 6.32 -34.49
C LYS B 141 0.98 6.89 -33.10
N TRP B 142 -0.11 7.13 -32.37
CA TRP B 142 0.05 7.62 -30.99
C TRP B 142 0.73 6.58 -30.10
N ILE B 143 0.45 5.29 -30.32
CA ILE B 143 1.06 4.27 -29.49
C ILE B 143 2.56 4.21 -29.78
N ALA B 144 2.94 4.34 -31.05
CA ALA B 144 4.36 4.36 -31.40
C ALA B 144 5.05 5.59 -30.82
N ALA B 145 4.38 6.74 -30.85
CA ALA B 145 4.96 7.94 -30.25
C ALA B 145 5.09 7.79 -28.75
N ARG B 146 4.07 7.22 -28.10
CA ARG B 146 4.11 6.99 -26.67
C ARG B 146 5.19 5.98 -26.33
N ASP B 147 5.46 5.03 -27.22
CA ASP B 147 6.50 4.05 -26.95
C ASP B 147 7.88 4.67 -27.10
N ALA B 148 8.07 5.53 -28.11
CA ALA B 148 9.32 6.26 -28.25
C ALA B 148 9.54 7.15 -27.04
N TYR B 149 8.46 7.79 -26.57
CA TYR B 149 8.51 8.55 -25.34
C TYR B 149 8.91 7.66 -24.17
N TRP B 150 8.31 6.46 -24.07
CA TRP B 150 8.57 5.61 -22.92
C TRP B 150 10.00 5.10 -22.91
N GLU B 151 10.58 4.82 -24.08
CA GLU B 151 11.99 4.44 -24.13
C GLU B 151 12.86 5.60 -23.65
N LYS B 152 12.61 6.81 -24.20
CA LYS B 152 13.38 7.98 -23.77
C LYS B 152 13.18 8.27 -22.28
N ALA B 153 12.01 7.94 -21.73
CA ALA B 153 11.73 8.24 -20.33
C ALA B 153 12.41 7.25 -19.41
N LYS B 154 12.21 5.95 -19.64
CA LYS B 154 12.83 4.94 -18.80
C LYS B 154 14.35 4.97 -18.87
N SER B 155 14.94 5.58 -19.92
CA SER B 155 16.39 5.76 -19.90
C SER B 155 16.84 6.62 -18.71
N TYR B 156 15.98 7.54 -18.24
CA TYR B 156 16.41 8.49 -17.22
C TYR B 156 16.57 7.85 -15.84
N PHE B 157 15.84 6.78 -15.57
CA PHE B 157 15.76 6.21 -14.23
C PHE B 157 16.66 4.98 -14.09
N THR B 158 17.12 4.76 -12.87
CA THR B 158 17.83 3.58 -12.41
C THR B 158 16.86 2.70 -11.65
N PRO B 159 16.73 1.41 -11.99
CA PRO B 159 15.86 0.53 -11.20
C PRO B 159 16.39 0.33 -9.80
N LYS B 160 15.48 0.09 -8.88
CA LYS B 160 15.87 0.08 -7.47
C LYS B 160 16.76 -1.11 -7.15
N PRO B 161 17.85 -0.90 -6.39
CA PRO B 161 18.66 -2.04 -5.92
C PRO B 161 17.86 -2.93 -4.98
N LYS B 162 17.81 -4.22 -5.31
CA LYS B 162 17.14 -5.20 -4.46
C LYS B 162 18.07 -5.65 -3.35
N LEU B 163 17.48 -6.00 -2.22
CA LEU B 163 18.24 -6.62 -1.14
C LEU B 163 18.39 -8.11 -1.43
N GLY B 164 19.47 -8.70 -0.90
CA GLY B 164 19.73 -10.10 -1.14
C GLY B 164 18.66 -10.99 -0.56
N ALA B 165 18.48 -12.15 -1.19
CA ALA B 165 17.52 -13.13 -0.72
C ALA B 165 17.96 -13.67 0.64
N ASN B 166 17.00 -13.85 1.54
CA ASN B 166 17.30 -14.22 2.91
C ASN B 166 16.38 -15.34 3.36
N GLY B 167 16.97 -16.28 4.10
CA GLY B 167 16.16 -17.34 4.67
C GLY B 167 15.69 -18.26 3.58
N PHE B 168 14.39 -18.50 3.52
CA PHE B 168 13.89 -19.42 2.51
C PHE B 168 14.04 -18.85 1.12
N ALA B 169 13.98 -17.53 0.98
CA ALA B 169 14.19 -16.91 -0.33
C ALA B 169 15.58 -17.23 -0.86
N LYS B 170 16.61 -17.13 0.00
CA LYS B 170 17.95 -17.50 -0.45
C LYS B 170 18.06 -18.99 -0.70
N TYR B 171 17.30 -19.81 0.05
CA TYR B 171 17.28 -21.23 -0.23
C TYR B 171 16.76 -21.49 -1.63
N VAL B 172 15.70 -20.80 -2.03
CA VAL B 172 15.18 -20.92 -3.38
C VAL B 172 16.19 -20.38 -4.38
N GLN B 173 16.84 -19.27 -4.06
CA GLN B 173 17.81 -18.66 -4.99
C GLN B 173 18.99 -19.57 -5.24
N GLU B 174 19.45 -20.30 -4.23
CA GLU B 174 20.63 -21.15 -4.42
C GLU B 174 20.29 -22.55 -4.88
N ASN B 175 19.13 -23.08 -4.50
CA ASN B 175 18.78 -24.48 -4.73
C ASN B 175 17.67 -24.66 -5.76
N TYR B 176 17.29 -23.60 -6.46
CA TYR B 176 16.27 -23.79 -7.49
C TYR B 176 16.87 -24.51 -8.69
N ILE B 177 16.29 -25.64 -9.03
CA ILE B 177 16.58 -26.37 -10.26
C ILE B 177 15.31 -26.23 -11.08
N ARG B 178 15.45 -26.20 -12.39
CA ARG B 178 14.33 -26.03 -13.32
C ARG B 178 13.21 -27.02 -13.04
N GLY B 179 11.98 -26.49 -12.88
CA GLY B 179 10.81 -27.33 -12.69
C GLY B 179 9.61 -26.96 -13.54
N ASP B 180 8.98 -27.96 -14.16
CA ASP B 180 7.84 -27.73 -15.05
C ASP B 180 6.64 -27.15 -14.28
N SER B 181 6.39 -27.67 -13.09
CA SER B 181 5.34 -27.18 -12.19
C SER B 181 6.02 -26.33 -11.10
N LEU B 182 5.76 -25.01 -11.11
CA LEU B 182 6.39 -24.08 -10.17
C LEU B 182 5.82 -24.21 -8.76
N THR B 183 4.50 -24.40 -8.67
CA THR B 183 3.86 -24.56 -7.37
C THR B 183 4.34 -25.83 -6.64
N GLU B 184 4.48 -26.93 -7.38
CA GLU B 184 5.08 -28.12 -6.78
C GLU B 184 6.57 -27.89 -6.48
N THR B 185 7.28 -27.13 -7.32
CA THR B 185 8.69 -26.84 -7.08
C THR B 185 8.90 -26.02 -5.81
N MET B 186 8.13 -24.95 -5.66
CA MET B 186 8.23 -24.13 -4.46
C MET B 186 7.84 -24.94 -3.22
N LYS B 187 6.81 -25.80 -3.34
CA LYS B 187 6.42 -26.64 -2.22
C LYS B 187 7.48 -27.67 -1.87
N LYS B 188 8.18 -28.20 -2.88
CA LYS B 188 9.26 -29.16 -2.62
C LYS B 188 10.44 -28.47 -1.94
N LEU B 189 10.80 -27.27 -2.40
CA LEU B 189 11.82 -26.50 -1.69
C LEU B 189 11.38 -26.17 -0.27
N ALA B 190 10.08 -25.92 -0.06
CA ALA B 190 9.59 -25.67 1.29
C ALA B 190 9.76 -26.90 2.18
N ASP B 191 9.46 -28.09 1.65
CA ASP B 191 9.65 -29.31 2.42
C ASP B 191 11.13 -29.54 2.75
N GLU B 192 12.02 -29.32 1.78
CA GLU B 192 13.45 -29.44 2.05
C GLU B 192 13.90 -28.44 3.11
N TRP B 193 13.42 -27.20 3.02
CA TRP B 193 13.80 -26.17 4.00
C TRP B 193 13.32 -26.55 5.39
N ASN B 194 12.03 -26.89 5.52
CA ASN B 194 11.46 -27.22 6.82
C ASN B 194 12.14 -28.44 7.44
N ALA B 195 12.61 -29.37 6.61
CA ALA B 195 13.36 -30.51 7.13
C ALA B 195 14.78 -30.15 7.57
N LEU B 196 15.22 -28.91 7.39
CA LEU B 196 16.55 -28.52 7.81
C LEU B 196 16.58 -28.17 9.30
N SER B 197 17.74 -28.42 9.92
CA SER B 197 17.94 -28.01 11.30
C SER B 197 18.04 -26.49 11.39
N GLU B 198 18.09 -25.98 12.61
CA GLU B 198 18.13 -24.54 12.78
C GLU B 198 19.48 -23.95 12.39
N THR B 199 20.57 -24.71 12.53
CA THR B 199 21.84 -24.17 12.03
C THR B 199 21.94 -24.30 10.51
N GLU B 200 21.34 -25.36 9.96
CA GLU B 200 21.24 -25.48 8.51
C GLU B 200 20.42 -24.32 7.93
N LYS B 201 19.31 -23.96 8.57
CA LYS B 201 18.57 -22.78 8.15
C LYS B 201 19.38 -21.51 8.36
N GLN B 202 20.11 -21.44 9.48
CA GLN B 202 20.87 -20.24 9.80
C GLN B 202 21.98 -19.97 8.80
N GLN B 203 22.47 -21.00 8.11
CA GLN B 203 23.43 -20.76 7.05
C GLN B 203 22.87 -19.88 5.94
N TYR B 204 21.56 -19.95 5.69
CA TYR B 204 20.91 -19.33 4.55
C TYR B 204 20.46 -17.90 4.81
N GLN B 205 21.01 -17.25 5.82
CA GLN B 205 20.64 -15.87 6.10
C GLN B 205 21.73 -14.93 5.59
N ILE B 206 21.37 -13.67 5.40
CA ILE B 206 22.29 -12.69 4.84
C ILE B 206 23.21 -12.13 5.92
N SER B 207 24.50 -12.06 5.61
CA SER B 207 25.50 -11.57 6.56
C SER B 207 25.34 -10.07 6.78
N LYS B 208 25.91 -9.57 7.89
CA LYS B 208 25.85 -8.14 8.18
C LYS B 208 26.56 -7.33 7.11
N GLU B 209 27.59 -7.91 6.47
CA GLU B 209 28.31 -7.21 5.42
C GLU B 209 27.42 -6.94 4.21
N ASP B 210 26.68 -7.95 3.78
CA ASP B 210 25.79 -7.77 2.63
C ASP B 210 24.65 -6.81 2.97
N LYS B 211 24.18 -6.85 4.22
CA LYS B 211 23.14 -5.92 4.65
C LYS B 211 23.65 -4.48 4.62
N GLU B 212 24.86 -4.22 5.09
CA GLU B 212 25.37 -2.85 5.07
C GLU B 212 25.71 -2.39 3.66
N LYS B 213 26.15 -3.31 2.79
CA LYS B 213 26.36 -2.94 1.39
C LYS B 213 25.03 -2.55 0.74
N TYR B 214 23.97 -3.30 1.01
CA TYR B 214 22.66 -2.88 0.52
C TYR B 214 22.20 -1.57 1.14
N LYS B 215 22.56 -1.31 2.41
CA LYS B 215 22.21 -0.04 3.03
C LYS B 215 22.83 1.12 2.27
N LYS B 216 24.13 1.04 1.99
CA LYS B 216 24.78 2.12 1.24
C LYS B 216 24.24 2.21 -0.18
N ALA B 217 23.93 1.06 -0.80
CA ALA B 217 23.39 1.09 -2.15
C ALA B 217 22.03 1.77 -2.19
N LEU B 218 21.16 1.46 -1.23
CA LEU B 218 19.86 2.10 -1.17
C LEU B 218 19.98 3.58 -0.86
N GLU B 219 21.00 3.97 -0.09
CA GLU B 219 21.18 5.39 0.20
C GLU B 219 21.58 6.17 -1.04
N LYS B 220 22.62 5.69 -1.74
CA LYS B 220 23.03 6.33 -3.00
C LYS B 220 21.90 6.33 -4.02
N TRP B 221 21.07 5.30 -4.04
CA TRP B 221 19.97 5.27 -5.01
C TRP B 221 18.88 6.26 -4.65
N LYS B 222 18.51 6.34 -3.36
CA LYS B 222 17.52 7.33 -2.92
C LYS B 222 17.99 8.74 -3.26
N GLU B 223 19.29 8.98 -3.15
CA GLU B 223 19.83 10.27 -3.58
C GLU B 223 19.67 10.48 -5.08
N LEU B 224 20.25 9.57 -5.88
CA LEU B 224 20.36 9.81 -7.31
C LEU B 224 19.00 9.76 -8.03
N ARG B 225 18.00 9.14 -7.42
CA ARG B 225 16.68 9.13 -8.05
C ARG B 225 16.05 10.51 -8.05
N LEU B 226 16.41 11.35 -7.10
CA LEU B 226 15.94 12.74 -7.11
C LEU B 226 16.44 13.46 -8.35
N LYS B 227 17.74 13.37 -8.63
CA LYS B 227 18.30 14.00 -9.83
C LYS B 227 17.74 13.37 -11.11
N GLU B 228 17.58 12.05 -11.12
CA GLU B 228 16.98 11.39 -12.28
C GLU B 228 15.55 11.88 -12.51
N TYR B 229 14.78 12.03 -11.44
CA TYR B 229 13.41 12.49 -11.58
C TYR B 229 13.36 13.95 -12.01
N SER B 230 14.29 14.76 -11.53
CA SER B 230 14.35 16.15 -11.95
C SER B 230 14.63 16.25 -13.45
N ASP B 231 15.59 15.47 -13.93
CA ASP B 231 15.89 15.47 -15.36
C ASP B 231 14.71 14.93 -16.17
N TYR B 232 14.02 13.91 -15.65
CA TYR B 232 12.85 13.40 -16.35
C TYR B 232 11.76 14.47 -16.45
N LEU B 233 11.56 15.23 -15.38
CA LEU B 233 10.53 16.26 -15.44
C LEU B 233 10.91 17.35 -16.42
N LYS B 234 12.20 17.71 -16.49
CA LYS B 234 12.66 18.65 -17.51
C LYS B 234 12.42 18.08 -18.90
N PHE B 235 12.63 16.78 -19.06
CA PHE B 235 12.32 16.12 -20.32
C PHE B 235 10.84 16.19 -20.65
N LYS B 236 10.00 15.98 -19.64
CA LYS B 236 8.57 15.89 -19.90
C LYS B 236 7.96 17.26 -20.18
N GLU B 237 8.51 18.31 -19.56
CA GLU B 237 8.01 19.65 -19.82
C GLU B 237 8.44 20.15 -21.19
N ASN B 238 9.66 19.81 -21.61
CA ASN B 238 10.26 20.30 -22.84
C ASN B 238 10.19 19.29 -23.98
N TYR B 239 9.27 18.34 -23.90
CA TYR B 239 9.15 17.30 -24.91
C TYR B 239 8.07 17.69 -25.90
N LYS B 240 8.46 17.91 -27.15
CA LYS B 240 7.50 18.14 -28.21
C LYS B 240 7.13 16.79 -28.79
N VAL B 241 5.88 16.66 -29.23
CA VAL B 241 5.33 15.37 -29.64
C VAL B 241 6.15 14.79 -30.79
N GLU B 242 6.22 15.51 -31.91
CA GLU B 242 7.16 15.22 -33.00
C GLU B 242 7.00 13.81 -33.57
N ASP B 243 5.82 13.20 -33.44
CA ASP B 243 5.62 11.79 -33.72
C ASP B 243 4.16 11.38 -33.42
C1 GOL G . -4.67 -12.35 11.16
O1 GOL G . -5.09 -10.99 11.26
C2 GOL G . -5.74 -13.21 11.85
O2 GOL G . -7.02 -12.97 11.29
C3 GOL G . -5.28 -14.69 11.71
O3 GOL G . -4.00 -14.84 12.34
H11 GOL G . -4.57 -12.63 10.24
H12 GOL G . -3.81 -12.50 11.59
HO1 GOL G . -5.93 -10.97 11.08
H2 GOL G . -5.81 -12.98 12.80
HO2 GOL G . -7.03 -13.32 10.51
H31 GOL G . -5.97 -15.26 12.11
H32 GOL G . -5.27 -14.93 10.78
HO3 GOL G . -3.42 -14.75 11.73
C1 GOL H . 6.14 8.00 -13.60
O1 GOL H . 5.72 8.48 -12.35
C2 GOL H . 7.13 9.03 -14.15
O2 GOL H . 8.15 9.31 -13.23
C3 GOL H . 7.71 8.41 -15.46
O3 GOL H . 6.65 8.24 -16.38
H11 GOL H . 6.57 7.13 -13.54
H12 GOL H . 5.41 7.89 -14.23
HO1 GOL H . 6.38 8.88 -12.00
H2 GOL H . 6.67 9.86 -14.33
HO2 GOL H . 8.72 9.83 -13.61
H31 GOL H . 8.41 9.00 -15.78
H32 GOL H . 8.16 7.58 -15.23
HO3 GOL H . 6.43 9.02 -16.64
#